data_5R5O
#
_entry.id   5R5O
#
_cell.length_a   49.690
_cell.length_b   52.480
_cell.length_c   101.950
_cell.angle_alpha   90.000
_cell.angle_beta   90.000
_cell.angle_gamma   90.000
#
_symmetry.space_group_name_H-M   'P 21 21 21'
#
loop_
_entity.id
_entity.type
_entity.pdbx_description
1 polymer 'Uridine diphosphate glucose pyrophosphatase NUDT22'
2 non-polymer (4,7-dihydro-2H-1lambda~4~,2,3-benzothiadiazol-5-yl)(morpholin-4-yl)methanone
3 non-polymer 'DIMETHYL SULFOXIDE'
4 water water
#
_entity_poly.entity_id   1
_entity_poly.type   'polypeptide(L)'
_entity_poly.pdbx_seq_one_letter_code
;SMDPEVTLLLQCPGGGLPQEQIQAELSPAHDRRPLPGGDEAITAIWETRLKAQPWLFDAPKFRLHSATLAPIGSRGPQLL
LRLGLTSYRDFLGTNWSSSAAWLRQQGATDWGDTQAYLADPLGVGAALATADDFLVFLRRSRQVAEAPGLVDVPGGHPEP
QALCPGGSPQHQDLAGQLVVHELFSSVLQEICDEVNLPLLTLSQPLLLGIARNETSAGRASAEFYVQCSLTSEQVRKHYL
SGGPEAHESTGIFFVETQNVRRLPETEMWAELCPSAKGAIILYNRVQGSPTGAALGSPALLPPL
;
_entity_poly.pdbx_strand_id   A
#
# COMPACT_ATOMS: atom_id res chain seq x y z
N ASP A 3 5.56 -2.13 -16.96
N ASP A 3 4.85 -2.06 -17.09
CA ASP A 3 5.79 -2.43 -15.52
CA ASP A 3 5.61 -2.44 -15.87
C ASP A 3 4.98 -3.66 -15.13
C ASP A 3 4.93 -3.65 -15.22
N PRO A 4 5.41 -4.89 -15.51
CA PRO A 4 4.63 -6.09 -15.21
C PRO A 4 4.57 -6.40 -13.71
N GLU A 5 5.38 -5.79 -12.85
CA GLU A 5 5.35 -6.18 -11.40
C GLU A 5 4.23 -5.44 -10.65
N VAL A 6 3.54 -4.50 -11.29
CA VAL A 6 2.42 -3.75 -10.63
C VAL A 6 1.21 -3.62 -11.59
N THR A 7 0.00 -3.88 -11.06
CA THR A 7 -1.30 -3.74 -11.77
C THR A 7 -2.23 -2.88 -10.92
N LEU A 8 -2.96 -1.95 -11.54
CA LEU A 8 -3.94 -1.08 -10.83
C LEU A 8 -5.26 -1.82 -10.69
N LEU A 9 -5.74 -2.01 -9.47
CA LEU A 9 -7.08 -2.61 -9.22
C LEU A 9 -8.15 -1.51 -9.16
N LEU A 10 -7.82 -0.31 -8.66
CA LEU A 10 -8.77 0.83 -8.46
C LEU A 10 -8.05 2.17 -8.69
N GLN A 11 -8.65 3.06 -9.48
CA GLN A 11 -8.26 4.50 -9.59
C GLN A 11 -9.44 5.34 -9.04
N CYS A 12 -9.24 6.11 -7.95
CA CYS A 12 -10.34 6.86 -7.29
C CYS A 12 -10.65 8.10 -8.10
N PRO A 13 -11.93 8.54 -8.10
CA PRO A 13 -12.32 9.78 -8.74
C PRO A 13 -12.13 11.03 -7.86
N GLY A 14 -12.37 12.19 -8.46
CA GLY A 14 -12.40 13.50 -7.79
C GLY A 14 -11.09 13.89 -7.11
N GLY A 15 -9.95 13.35 -7.56
CA GLY A 15 -8.64 13.64 -6.96
C GLY A 15 -8.35 12.78 -5.73
N GLY A 16 -9.25 11.84 -5.42
CA GLY A 16 -9.10 10.88 -4.32
C GLY A 16 -10.24 11.00 -3.34
N LEU A 17 -10.52 9.93 -2.59
CA LEU A 17 -11.71 9.84 -1.70
C LEU A 17 -11.33 10.04 -0.23
N PRO A 18 -12.10 10.90 0.51
CA PRO A 18 -11.96 11.04 1.95
C PRO A 18 -12.64 9.85 2.66
N GLN A 19 -12.28 9.67 3.94
CA GLN A 19 -12.78 8.59 4.83
C GLN A 19 -14.33 8.50 4.76
N GLU A 20 -15.02 9.64 4.79
CA GLU A 20 -16.50 9.72 4.98
C GLU A 20 -17.22 9.19 3.74
N GLN A 21 -16.52 8.96 2.62
CA GLN A 21 -17.16 8.49 1.37
C GLN A 21 -16.91 6.99 1.13
N ILE A 22 -16.39 6.27 2.12
CA ILE A 22 -16.03 4.83 1.94
C ILE A 22 -16.78 3.97 2.96
N GLN A 23 -17.37 2.88 2.45
CA GLN A 23 -18.01 1.77 3.18
C GLN A 23 -17.09 0.53 3.15
N ALA A 24 -17.04 -0.24 4.22
CA ALA A 24 -16.38 -1.57 4.25
C ALA A 24 -17.41 -2.62 4.68
N GLU A 25 -17.30 -3.82 4.09
CA GLU A 25 -18.04 -5.03 4.48
C GLU A 25 -17.00 -6.07 4.92
N LEU A 26 -16.87 -6.28 6.23
CA LEU A 26 -15.90 -7.26 6.78
C LEU A 26 -16.69 -8.55 7.05
N SER A 27 -16.42 -9.62 6.31
CA SER A 27 -17.25 -10.86 6.27
C SER A 27 -16.37 -12.09 6.09
N PRO A 28 -16.63 -13.21 6.80
CA PRO A 28 -15.90 -14.46 6.53
C PRO A 28 -16.12 -15.01 5.11
N ALA A 29 -17.15 -14.53 4.38
CA ALA A 29 -17.33 -14.83 2.93
C ALA A 29 -16.14 -14.31 2.11
N HIS A 30 -15.33 -13.37 2.64
CA HIS A 30 -14.20 -12.69 1.94
C HIS A 30 -12.85 -13.29 2.36
N ASP A 31 -12.85 -14.40 3.10
CA ASP A 31 -11.61 -15.01 3.62
C ASP A 31 -10.96 -15.83 2.50
N ARG A 32 -9.70 -16.23 2.70
CA ARG A 32 -8.99 -17.26 1.90
C ARG A 32 -9.76 -18.59 2.01
N ARG A 33 -9.80 -19.37 0.94
CA ARG A 33 -10.37 -20.75 0.94
C ARG A 33 -9.31 -21.70 1.49
N PRO A 34 -9.67 -22.76 2.26
CA PRO A 34 -8.68 -23.75 2.68
C PRO A 34 -7.96 -24.37 1.47
N LEU A 35 -6.68 -24.71 1.62
CA LEU A 35 -5.85 -25.27 0.52
C LEU A 35 -6.41 -26.64 0.11
N PRO A 36 -6.29 -27.02 -1.18
CA PRO A 36 -6.86 -28.28 -1.66
C PRO A 36 -6.44 -29.53 -0.85
N GLY A 37 -5.18 -29.59 -0.39
CA GLY A 37 -4.66 -30.72 0.38
C GLY A 37 -4.65 -30.45 1.87
N GLY A 38 -5.26 -29.34 2.29
CA GLY A 38 -5.43 -28.94 3.70
C GLY A 38 -4.45 -27.83 4.09
N ASP A 39 -4.79 -27.04 5.11
CA ASP A 39 -3.92 -25.95 5.65
C ASP A 39 -2.73 -26.51 6.47
N GLU A 40 -2.58 -27.83 6.60
CA GLU A 40 -1.39 -28.48 7.20
C GLU A 40 -0.11 -27.99 6.50
N ALA A 41 -0.11 -27.71 5.19
CA ALA A 41 1.09 -27.22 4.47
C ALA A 41 1.56 -25.85 5.03
N ILE A 42 0.63 -25.00 5.46
CA ILE A 42 0.94 -23.64 6.02
C ILE A 42 1.57 -23.84 7.40
N THR A 43 0.96 -24.69 8.22
CA THR A 43 1.42 -25.10 9.57
C THR A 43 2.87 -25.63 9.49
N ALA A 44 3.18 -26.51 8.53
CA ALA A 44 4.52 -27.14 8.39
C ALA A 44 5.59 -26.05 8.12
N ILE A 45 5.30 -25.10 7.21
CA ILE A 45 6.23 -23.97 6.87
C ILE A 45 6.48 -23.10 8.10
N TRP A 46 5.43 -22.78 8.84
CA TRP A 46 5.51 -21.93 10.06
C TRP A 46 6.41 -22.63 11.10
N GLU A 47 6.20 -23.93 11.31
CA GLU A 47 6.97 -24.73 12.30
C GLU A 47 8.45 -24.67 11.97
N THR A 48 8.80 -24.89 10.71
CA THR A 48 10.21 -24.87 10.23
C THR A 48 10.79 -23.49 10.55
N ARG A 49 10.03 -22.43 10.28
CA ARG A 49 10.48 -21.02 10.46
C ARG A 49 10.74 -20.74 11.94
N LEU A 50 9.81 -21.11 12.82
CA LEU A 50 9.90 -20.86 14.30
C LEU A 50 11.03 -21.70 14.89
N LYS A 51 11.29 -22.89 14.36
CA LYS A 51 12.40 -23.73 14.88
C LYS A 51 13.78 -23.14 14.52
N ALA A 52 13.85 -22.18 13.58
CA ALA A 52 15.06 -21.41 13.22
C ALA A 52 15.04 -20.01 13.87
N GLN A 53 13.89 -19.34 13.91
CA GLN A 53 13.74 -17.97 14.46
C GLN A 53 12.64 -17.97 15.51
N PRO A 54 12.88 -18.52 16.72
CA PRO A 54 11.81 -18.67 17.72
C PRO A 54 11.25 -17.37 18.34
N TRP A 55 11.89 -16.21 18.07
CA TRP A 55 11.42 -14.86 18.51
C TRP A 55 10.34 -14.30 17.56
N LEU A 56 10.10 -14.93 16.41
CA LEU A 56 9.01 -14.51 15.46
C LEU A 56 7.63 -14.66 16.13
N PHE A 57 6.68 -13.80 15.77
CA PHE A 57 5.27 -13.93 16.25
C PHE A 57 4.31 -13.70 15.09
N ASP A 58 3.14 -14.34 15.18
CA ASP A 58 2.01 -14.19 14.25
C ASP A 58 1.25 -12.89 14.60
N ALA A 59 0.49 -12.35 13.65
CA ALA A 59 -0.39 -11.19 13.87
C ALA A 59 -1.52 -11.25 12.84
N PRO A 60 -2.75 -10.83 13.21
CA PRO A 60 -3.84 -10.77 12.23
C PRO A 60 -3.62 -9.59 11.26
N LYS A 61 -4.25 -9.72 10.10
CA LYS A 61 -4.18 -8.76 8.97
C LYS A 61 -5.56 -8.70 8.31
N PHE A 62 -5.89 -7.58 7.65
CA PHE A 62 -7.05 -7.52 6.73
C PHE A 62 -6.68 -8.22 5.39
N ARG A 63 -7.63 -8.94 4.82
CA ARG A 63 -7.54 -9.54 3.45
C ARG A 63 -8.42 -8.69 2.51
N LEU A 64 -7.88 -8.21 1.39
CA LEU A 64 -8.70 -7.61 0.30
C LEU A 64 -9.32 -8.73 -0.54
N HIS A 65 -10.66 -8.79 -0.60
CA HIS A 65 -11.40 -9.62 -1.60
C HIS A 65 -11.60 -8.83 -2.90
N SER A 66 -12.12 -7.61 -2.80
CA SER A 66 -12.53 -6.78 -3.97
C SER A 66 -12.95 -5.38 -3.51
N ALA A 67 -13.05 -4.46 -4.46
CA ALA A 67 -13.42 -3.05 -4.22
C ALA A 67 -14.27 -2.57 -5.40
N THR A 68 -15.50 -2.10 -5.13
CA THR A 68 -16.47 -1.67 -6.16
C THR A 68 -16.73 -0.17 -6.01
N LEU A 69 -16.41 0.58 -7.07
CA LEU A 69 -16.67 2.05 -7.16
C LEU A 69 -18.11 2.29 -7.65
N ALA A 70 -18.78 3.29 -7.06
CA ALA A 70 -20.11 3.75 -7.48
C ALA A 70 -20.02 4.37 -8.89
N PRO A 71 -21.16 4.56 -9.60
CA PRO A 71 -21.17 5.33 -10.85
C PRO A 71 -20.60 6.74 -10.59
N ILE A 72 -19.72 7.24 -11.47
CA ILE A 72 -19.02 8.54 -11.23
C ILE A 72 -20.08 9.65 -11.23
N GLY A 73 -19.84 10.68 -10.42
CA GLY A 73 -20.71 11.87 -10.32
C GLY A 73 -21.87 11.68 -9.36
N SER A 74 -22.00 10.52 -8.71
CA SER A 74 -23.17 10.17 -7.86
C SER A 74 -23.03 10.79 -6.47
N ARG A 75 -24.17 10.88 -5.78
CA ARG A 75 -24.28 11.26 -4.35
C ARG A 75 -24.17 9.99 -3.50
N GLY A 76 -23.83 10.14 -2.23
CA GLY A 76 -23.77 9.02 -1.27
C GLY A 76 -22.42 8.32 -1.33
N PRO A 77 -22.27 7.20 -0.59
CA PRO A 77 -21.02 6.45 -0.54
C PRO A 77 -20.48 6.10 -1.93
N GLN A 78 -19.18 6.31 -2.14
CA GLN A 78 -18.57 6.22 -3.50
C GLN A 78 -17.77 4.93 -3.67
N LEU A 79 -17.45 4.21 -2.58
CA LEU A 79 -16.62 2.97 -2.69
C LEU A 79 -17.11 1.96 -1.68
N LEU A 80 -17.16 0.67 -2.06
CA LEU A 80 -17.36 -0.46 -1.12
C LEU A 80 -16.11 -1.35 -1.12
N LEU A 81 -15.48 -1.52 0.03
CA LEU A 81 -14.32 -2.43 0.24
C LEU A 81 -14.86 -3.72 0.83
N ARG A 82 -14.68 -4.85 0.15
CA ARG A 82 -14.98 -6.18 0.67
C ARG A 82 -13.71 -6.77 1.28
N LEU A 83 -13.73 -6.98 2.61
CA LEU A 83 -12.56 -7.38 3.42
C LEU A 83 -12.87 -8.68 4.19
N GLY A 84 -11.86 -9.55 4.31
CA GLY A 84 -11.86 -10.69 5.24
C GLY A 84 -10.72 -10.55 6.22
N LEU A 85 -10.38 -11.62 6.93
CA LEU A 85 -9.22 -11.62 7.86
C LEU A 85 -8.24 -12.70 7.41
N THR A 86 -6.95 -12.42 7.58
CA THR A 86 -5.81 -13.33 7.33
C THR A 86 -4.78 -13.13 8.46
N SER A 87 -3.51 -13.48 8.21
CA SER A 87 -2.45 -13.45 9.24
C SER A 87 -1.10 -13.44 8.54
N TYR A 88 -0.06 -13.03 9.26
CA TYR A 88 1.36 -13.10 8.79
C TYR A 88 1.71 -14.56 8.47
N ARG A 89 1.32 -15.51 9.32
CA ARG A 89 1.59 -16.99 9.11
C ARG A 89 1.00 -17.48 7.78
N ASP A 90 -0.23 -17.07 7.48
CA ASP A 90 -0.93 -17.51 6.23
C ASP A 90 -0.23 -16.90 5.02
N PHE A 91 0.22 -15.65 5.13
CA PHE A 91 1.03 -14.95 4.09
C PHE A 91 2.30 -15.77 3.80
N LEU A 92 3.02 -16.17 4.86
CA LEU A 92 4.32 -16.88 4.71
C LEU A 92 4.10 -18.24 4.01
N GLY A 93 2.98 -18.89 4.27
CA GLY A 93 2.64 -20.20 3.68
C GLY A 93 1.97 -20.15 2.31
N THR A 94 1.61 -18.96 1.78
CA THR A 94 0.88 -18.84 0.49
C THR A 94 1.60 -17.85 -0.43
N ASN A 95 1.35 -16.53 -0.35
CA ASN A 95 2.00 -15.53 -1.24
C ASN A 95 3.54 -15.66 -1.27
N TRP A 96 4.18 -15.90 -0.12
CA TRP A 96 5.66 -15.92 0.04
C TRP A 96 6.23 -17.31 -0.32
N SER A 97 5.37 -18.32 -0.47
CA SER A 97 5.78 -19.72 -0.80
C SER A 97 6.35 -19.79 -2.22
N SER A 98 7.32 -20.69 -2.43
CA SER A 98 7.93 -20.94 -3.75
C SER A 98 6.85 -21.44 -4.74
N SER A 99 5.81 -22.09 -4.21
N SER A 99 5.81 -22.12 -4.25
CA SER A 99 4.68 -22.71 -4.97
CA SER A 99 4.72 -22.71 -5.07
C SER A 99 3.53 -21.73 -5.24
C SER A 99 3.53 -21.74 -5.22
N ALA A 100 3.73 -20.43 -4.97
CA ALA A 100 2.62 -19.43 -5.05
C ALA A 100 1.92 -19.45 -6.43
N ALA A 101 2.68 -19.60 -7.52
CA ALA A 101 2.12 -19.60 -8.88
C ALA A 101 1.20 -20.83 -9.06
N TRP A 102 1.56 -21.99 -8.48
CA TRP A 102 0.72 -23.20 -8.54
C TRP A 102 -0.61 -22.97 -7.79
N LEU A 103 -0.58 -22.24 -6.67
CA LEU A 103 -1.82 -21.94 -5.89
C LEU A 103 -2.73 -21.03 -6.73
N ARG A 104 -2.15 -20.08 -7.47
CA ARG A 104 -2.92 -19.18 -8.36
C ARG A 104 -3.61 -19.99 -9.48
N GLN A 105 -2.91 -20.93 -10.13
CA GLN A 105 -3.48 -21.79 -11.23
C GLN A 105 -4.64 -22.63 -10.66
N GLN A 106 -4.43 -23.25 -9.49
N GLN A 106 -4.43 -23.22 -9.47
CA GLN A 106 -5.45 -24.12 -8.82
CA GLN A 106 -5.43 -24.11 -8.81
C GLN A 106 -6.68 -23.28 -8.46
C GLN A 106 -6.67 -23.30 -8.41
N GLY A 107 -6.49 -22.03 -8.03
CA GLY A 107 -7.62 -21.13 -7.69
C GLY A 107 -8.45 -20.82 -8.94
N ALA A 108 -7.80 -20.58 -10.07
CA ALA A 108 -8.45 -20.37 -11.39
C ALA A 108 -9.31 -21.60 -11.75
N THR A 109 -8.72 -22.79 -11.66
CA THR A 109 -9.38 -24.11 -11.94
C THR A 109 -10.60 -24.32 -11.04
N ASP A 110 -10.41 -24.21 -9.73
CA ASP A 110 -11.40 -24.65 -8.72
C ASP A 110 -12.48 -23.60 -8.51
N TRP A 111 -12.14 -22.30 -8.51
CA TRP A 111 -13.03 -21.20 -8.04
C TRP A 111 -13.21 -20.10 -9.10
N GLY A 112 -12.60 -20.20 -10.27
CA GLY A 112 -12.52 -19.07 -11.23
C GLY A 112 -11.95 -17.80 -10.59
N ASP A 113 -10.93 -17.94 -9.73
CA ASP A 113 -10.34 -16.81 -8.94
C ASP A 113 -8.88 -17.12 -8.60
N THR A 114 -7.95 -16.46 -9.30
CA THR A 114 -6.46 -16.66 -9.13
C THR A 114 -6.06 -16.43 -7.66
N GLN A 115 -6.85 -15.67 -6.86
CA GLN A 115 -6.46 -15.31 -5.46
C GLN A 115 -7.13 -16.21 -4.40
N ALA A 116 -7.97 -17.20 -4.78
CA ALA A 116 -8.85 -17.91 -3.83
C ALA A 116 -8.03 -18.57 -2.71
N TYR A 117 -6.84 -19.10 -3.03
CA TYR A 117 -5.97 -19.85 -2.08
C TYR A 117 -4.84 -18.95 -1.55
N LEU A 118 -4.92 -17.63 -1.73
CA LEU A 118 -3.84 -16.69 -1.25
C LEU A 118 -4.32 -15.85 -0.05
N ALA A 119 -3.43 -15.67 0.93
CA ALA A 119 -3.68 -14.82 2.13
C ALA A 119 -4.04 -13.38 1.69
N ASP A 120 -3.28 -12.79 0.77
CA ASP A 120 -3.50 -11.42 0.21
C ASP A 120 -3.71 -10.40 1.34
N PRO A 121 -2.79 -10.29 2.34
CA PRO A 121 -2.92 -9.21 3.35
C PRO A 121 -2.89 -7.80 2.74
N LEU A 122 -3.78 -6.91 3.19
CA LEU A 122 -3.87 -5.52 2.66
C LEU A 122 -2.77 -4.63 3.26
N GLY A 123 -1.92 -4.07 2.40
CA GLY A 123 -0.96 -3.03 2.78
C GLY A 123 -1.53 -1.62 2.68
N VAL A 124 -0.85 -0.64 3.28
CA VAL A 124 -1.11 0.83 3.09
C VAL A 124 0.21 1.53 2.75
N GLY A 125 0.15 2.52 1.87
CA GLY A 125 1.33 3.37 1.52
C GLY A 125 0.91 4.78 1.26
N ALA A 126 1.84 5.74 1.32
CA ALA A 126 1.54 7.18 1.13
C ALA A 126 2.50 7.82 0.11
N ALA A 127 1.94 8.58 -0.83
CA ALA A 127 2.60 9.73 -1.46
C ALA A 127 2.49 10.90 -0.47
N LEU A 128 3.58 11.17 0.25
CA LEU A 128 3.68 12.20 1.33
C LEU A 128 4.36 13.44 0.76
N ALA A 129 3.62 14.56 0.65
CA ALA A 129 4.15 15.80 0.03
C ALA A 129 4.58 16.77 1.14
N THR A 130 5.63 17.55 0.90
CA THR A 130 6.13 18.58 1.84
C THR A 130 5.48 19.94 1.51
N ALA A 131 5.61 20.91 2.42
CA ALA A 131 5.10 22.29 2.25
C ALA A 131 5.80 22.96 1.06
N ASP A 132 7.03 22.57 0.72
CA ASP A 132 7.83 23.11 -0.42
C ASP A 132 7.79 22.24 -1.69
N ASP A 133 6.78 21.37 -1.78
N ASP A 133 6.83 21.31 -1.78
CA ASP A 133 6.38 20.58 -2.99
CA ASP A 133 6.44 20.63 -3.04
C ASP A 133 7.49 19.58 -3.36
C ASP A 133 7.43 19.51 -3.40
N PHE A 134 7.81 18.66 -2.44
CA PHE A 134 8.62 17.43 -2.71
C PHE A 134 7.78 16.24 -2.26
N LEU A 135 7.99 15.05 -2.84
CA LEU A 135 7.55 13.74 -2.25
C LEU A 135 8.71 13.08 -1.50
N VAL A 136 8.36 12.33 -0.45
CA VAL A 136 9.29 11.68 0.52
C VAL A 136 9.54 10.23 0.12
N PHE A 137 10.82 9.82 0.03
CA PHE A 137 11.24 8.43 -0.27
C PHE A 137 12.18 7.88 0.81
N LEU A 138 12.22 6.57 0.97
CA LEU A 138 13.00 5.87 2.03
C LEU A 138 13.82 4.76 1.38
N ARG A 139 15.07 4.56 1.80
CA ARG A 139 15.95 3.48 1.28
C ARG A 139 15.80 2.27 2.21
N ARG A 140 15.54 1.07 1.67
CA ARG A 140 15.39 -0.18 2.48
C ARG A 140 16.78 -0.77 2.79
N SER A 141 16.99 -1.31 3.99
CA SER A 141 18.20 -2.11 4.34
C SER A 141 18.49 -3.16 3.26
N ARG A 142 19.78 -3.45 3.03
CA ARG A 142 20.25 -4.48 2.04
C ARG A 142 20.18 -5.87 2.69
N GLN A 143 19.80 -5.97 3.97
CA GLN A 143 19.84 -7.23 4.76
C GLN A 143 18.44 -7.77 5.09
N VAL A 144 17.35 -7.16 4.59
CA VAL A 144 15.97 -7.67 4.85
C VAL A 144 15.60 -8.67 3.75
N ALA A 145 14.59 -9.50 3.99
CA ALA A 145 14.19 -10.61 3.10
C ALA A 145 13.46 -10.09 1.87
N GLU A 146 12.57 -9.10 2.04
CA GLU A 146 11.75 -8.54 0.94
C GLU A 146 12.38 -7.29 0.38
N ALA A 147 12.51 -7.21 -0.95
CA ALA A 147 13.00 -6.03 -1.68
C ALA A 147 14.21 -5.42 -0.99
N PRO A 148 15.31 -6.17 -0.72
CA PRO A 148 16.50 -5.59 -0.13
C PRO A 148 17.14 -4.48 -0.99
N GLY A 149 17.49 -3.38 -0.33
CA GLY A 149 18.25 -2.27 -0.93
C GLY A 149 17.43 -1.44 -1.89
N LEU A 150 16.11 -1.64 -1.97
CA LEU A 150 15.27 -0.88 -2.93
C LEU A 150 14.72 0.38 -2.27
N VAL A 151 14.19 1.30 -3.07
CA VAL A 151 13.51 2.54 -2.58
C VAL A 151 12.05 2.20 -2.25
N ASP A 152 11.52 2.75 -1.15
CA ASP A 152 10.12 2.61 -0.73
C ASP A 152 9.50 3.99 -0.44
N VAL A 153 8.19 4.02 -0.22
CA VAL A 153 7.48 5.19 0.38
C VAL A 153 7.04 4.77 1.78
N PRO A 154 6.61 5.68 2.67
CA PRO A 154 6.10 5.28 3.99
C PRO A 154 4.88 4.36 3.88
N GLY A 155 4.77 3.41 4.79
CA GLY A 155 3.53 2.62 4.94
C GLY A 155 3.80 1.36 5.72
N GLY A 156 2.87 0.39 5.67
CA GLY A 156 2.93 -0.85 6.45
C GLY A 156 1.75 -1.78 6.15
N HIS A 157 1.51 -2.73 7.05
CA HIS A 157 0.42 -3.74 6.96
C HIS A 157 -0.39 -3.71 8.25
N PRO A 158 -1.51 -2.96 8.30
CA PRO A 158 -2.26 -2.79 9.54
C PRO A 158 -2.89 -4.06 10.13
N GLU A 159 -2.95 -4.07 11.45
CA GLU A 159 -3.49 -5.18 12.27
C GLU A 159 -4.85 -4.77 12.81
N PRO A 160 -5.92 -5.56 12.56
CA PRO A 160 -7.23 -5.37 13.18
C PRO A 160 -7.28 -5.21 14.71
N GLN A 161 -8.27 -4.46 15.21
CA GLN A 161 -8.43 -3.91 16.60
C GLN A 161 -7.05 -3.71 17.23
N ASP A 173 -21.68 -1.60 7.38
CA ASP A 173 -21.10 -0.29 7.75
C ASP A 173 -21.10 -0.08 9.28
N LEU A 174 -21.67 -0.98 10.09
CA LEU A 174 -21.78 -0.72 11.55
C LEU A 174 -20.65 -1.37 12.36
N ALA A 175 -19.88 -2.29 11.78
CA ALA A 175 -18.46 -2.50 12.17
C ALA A 175 -17.54 -1.95 11.07
N GLY A 176 -18.06 -1.82 9.82
CA GLY A 176 -17.43 -1.27 8.60
C GLY A 176 -16.81 0.11 8.80
N GLN A 177 -17.50 1.06 9.44
CA GLN A 177 -17.00 2.46 9.60
C GLN A 177 -15.79 2.45 10.54
N LEU A 178 -15.76 1.57 11.55
CA LEU A 178 -14.59 1.46 12.45
C LEU A 178 -13.41 0.90 11.65
N VAL A 179 -13.66 -0.01 10.72
CA VAL A 179 -12.59 -0.63 9.89
C VAL A 179 -12.01 0.44 8.95
N VAL A 180 -12.83 1.24 8.28
CA VAL A 180 -12.34 2.34 7.40
C VAL A 180 -11.51 3.31 8.25
N HIS A 181 -11.98 3.65 9.47
CA HIS A 181 -11.27 4.54 10.42
C HIS A 181 -9.86 3.97 10.74
N GLU A 182 -9.75 2.67 11.02
N GLU A 182 -9.78 2.67 10.99
CA GLU A 182 -8.45 2.03 11.34
CA GLU A 182 -8.52 1.96 11.30
C GLU A 182 -7.53 2.06 10.10
C GLU A 182 -7.56 2.04 10.11
N LEU A 183 -8.06 1.89 8.88
CA LEU A 183 -7.20 1.98 7.65
C LEU A 183 -6.65 3.42 7.50
N PHE A 184 -7.45 4.46 7.63
CA PHE A 184 -6.98 5.88 7.48
C PHE A 184 -6.00 6.26 8.62
N SER A 185 -6.34 5.88 9.86
N SER A 185 -6.29 5.85 9.86
CA SER A 185 -5.50 6.06 11.08
CA SER A 185 -5.44 6.17 11.04
C SER A 185 -4.14 5.42 10.86
C SER A 185 -4.12 5.38 10.97
N SER A 186 -4.10 4.17 10.38
CA SER A 186 -2.86 3.37 10.29
C SER A 186 -1.85 4.01 9.30
N VAL A 187 -2.27 4.65 8.20
CA VAL A 187 -1.28 5.29 7.29
C VAL A 187 -0.61 6.48 8.02
N LEU A 188 -1.34 7.28 8.82
CA LEU A 188 -0.77 8.40 9.62
C LEU A 188 0.17 7.84 10.69
N GLN A 189 -0.25 6.77 11.36
CA GLN A 189 0.57 6.14 12.43
C GLN A 189 1.89 5.65 11.82
N GLU A 190 1.85 5.01 10.63
CA GLU A 190 3.08 4.52 9.94
C GLU A 190 4.01 5.70 9.60
N ILE A 191 3.46 6.87 9.24
CA ILE A 191 4.26 8.09 8.93
C ILE A 191 4.89 8.61 10.24
N CYS A 192 4.13 8.79 11.33
CA CYS A 192 4.68 9.18 12.66
C CYS A 192 5.74 8.19 13.15
N ASP A 193 5.54 6.87 13.04
CA ASP A 193 6.53 5.88 13.58
C ASP A 193 7.85 5.86 12.75
N GLU A 194 7.80 5.92 11.43
CA GLU A 194 9.01 5.71 10.58
C GLU A 194 9.68 7.06 10.28
N VAL A 195 8.93 8.15 10.03
CA VAL A 195 9.52 9.46 9.59
C VAL A 195 9.68 10.35 10.83
N ASN A 196 8.99 10.03 11.93
CA ASN A 196 9.19 10.72 13.23
C ASN A 196 8.56 12.12 13.16
N LEU A 197 7.48 12.29 12.39
CA LEU A 197 6.75 13.58 12.25
C LEU A 197 5.66 13.67 13.33
N PRO A 198 5.40 14.88 13.87
CA PRO A 198 4.25 15.11 14.76
C PRO A 198 2.96 14.90 13.96
N LEU A 199 1.96 14.29 14.59
CA LEU A 199 0.65 13.96 13.97
C LEU A 199 -0.03 15.25 13.52
N LEU A 200 0.18 16.35 14.24
CA LEU A 200 -0.49 17.65 13.95
C LEU A 200 0.12 18.36 12.73
N THR A 201 1.19 17.84 12.11
CA THR A 201 1.75 18.42 10.86
C THR A 201 1.15 17.72 9.62
N LEU A 202 0.27 16.70 9.78
CA LEU A 202 -0.28 15.86 8.68
C LEU A 202 -1.76 16.18 8.39
N SER A 203 -2.13 16.27 7.11
CA SER A 203 -3.54 16.35 6.65
C SER A 203 -4.30 15.03 6.88
N GLN A 204 -5.63 15.08 6.86
CA GLN A 204 -6.45 13.85 6.73
C GLN A 204 -6.10 13.21 5.38
N PRO A 205 -5.82 11.88 5.33
CA PRO A 205 -5.53 11.23 4.06
C PRO A 205 -6.67 11.24 3.02
N LEU A 206 -6.29 11.22 1.72
CA LEU A 206 -7.22 10.89 0.61
C LEU A 206 -6.79 9.55 -0.01
N LEU A 207 -7.73 8.64 -0.25
CA LEU A 207 -7.44 7.36 -0.95
C LEU A 207 -7.28 7.67 -2.44
N LEU A 208 -6.11 7.38 -3.01
CA LEU A 208 -5.85 7.55 -4.46
C LEU A 208 -6.34 6.31 -5.23
N GLY A 209 -6.15 5.09 -4.70
CA GLY A 209 -6.47 3.84 -5.40
C GLY A 209 -5.91 2.61 -4.71
N ILE A 210 -5.92 1.49 -5.42
CA ILE A 210 -5.38 0.19 -4.96
C ILE A 210 -4.49 -0.37 -6.05
N ALA A 211 -3.31 -0.88 -5.67
CA ALA A 211 -2.27 -1.42 -6.57
C ALA A 211 -1.92 -2.82 -6.08
N ARG A 212 -1.68 -3.74 -7.02
CA ARG A 212 -1.31 -5.15 -6.74
C ARG A 212 0.19 -5.36 -7.05
N ASN A 213 0.89 -6.13 -6.22
CA ASN A 213 2.32 -6.53 -6.35
C ASN A 213 2.35 -7.91 -7.00
N GLU A 214 2.62 -8.00 -8.30
CA GLU A 214 2.65 -9.30 -9.03
C GLU A 214 3.92 -10.11 -8.67
N THR A 215 4.94 -9.49 -8.07
CA THR A 215 6.16 -10.23 -7.62
C THR A 215 5.85 -10.97 -6.32
N SER A 216 4.78 -10.59 -5.63
CA SER A 216 4.32 -11.25 -4.38
C SER A 216 2.93 -11.87 -4.59
N ALA A 217 2.71 -12.49 -5.76
CA ALA A 217 1.52 -13.31 -6.12
C ALA A 217 0.22 -12.50 -6.03
N GLY A 218 0.27 -11.18 -6.24
CA GLY A 218 -0.94 -10.35 -6.43
C GLY A 218 -1.47 -9.71 -5.16
N ARG A 219 -0.71 -9.70 -4.05
CA ARG A 219 -1.22 -8.99 -2.84
C ARG A 219 -1.24 -7.47 -3.09
N ALA A 220 -2.23 -6.81 -2.50
CA ALA A 220 -2.68 -5.43 -2.84
C ALA A 220 -2.34 -4.46 -1.71
N SER A 221 -2.18 -3.18 -2.07
CA SER A 221 -1.93 -2.08 -1.12
C SER A 221 -2.85 -0.91 -1.47
N ALA A 222 -3.57 -0.39 -0.46
CA ALA A 222 -4.26 0.92 -0.56
C ALA A 222 -3.25 2.06 -0.53
N GLU A 223 -3.28 2.96 -1.54
CA GLU A 223 -2.31 4.06 -1.72
C GLU A 223 -3.00 5.41 -1.49
N PHE A 224 -2.46 6.22 -0.57
CA PHE A 224 -3.07 7.46 -0.03
C PHE A 224 -2.21 8.67 -0.38
N TYR A 225 -2.82 9.85 -0.40
CA TYR A 225 -2.13 11.16 -0.53
C TYR A 225 -2.21 11.84 0.84
N VAL A 226 -1.06 12.24 1.38
CA VAL A 226 -0.98 12.96 2.68
C VAL A 226 -0.11 14.19 2.51
N GLN A 227 -0.58 15.33 3.00
N GLN A 227 -0.59 15.36 2.95
CA GLN A 227 0.14 16.63 2.93
CA GLN A 227 0.17 16.64 2.90
C GLN A 227 0.75 16.93 4.30
C GLN A 227 0.77 16.91 4.29
N CYS A 228 2.01 17.38 4.33
CA CYS A 228 2.73 17.80 5.56
C CYS A 228 2.94 19.31 5.52
N SER A 229 2.79 20.00 6.65
CA SER A 229 2.96 21.48 6.78
C SER A 229 4.44 21.83 6.97
N LEU A 230 5.32 20.84 7.12
CA LEU A 230 6.78 21.08 7.20
C LEU A 230 7.41 21.03 5.81
N THR A 231 8.52 21.77 5.61
CA THR A 231 9.41 21.71 4.43
C THR A 231 10.29 20.45 4.42
N SER A 232 10.88 20.11 3.28
CA SER A 232 11.79 18.94 3.10
C SER A 232 12.93 19.00 4.13
N GLU A 233 13.51 20.18 4.37
CA GLU A 233 14.63 20.32 5.33
C GLU A 233 14.13 19.97 6.75
N GLN A 234 12.97 20.48 7.15
CA GLN A 234 12.39 20.17 8.49
C GLN A 234 12.06 18.67 8.59
N VAL A 235 11.49 18.05 7.55
CA VAL A 235 11.13 16.59 7.57
C VAL A 235 12.41 15.77 7.81
N ARG A 236 13.49 16.06 7.08
CA ARG A 236 14.84 15.41 7.23
C ARG A 236 15.32 15.53 8.69
N LYS A 237 15.22 16.73 9.28
CA LYS A 237 15.67 16.96 10.69
C LYS A 237 14.90 15.99 11.63
N HIS A 238 13.57 15.89 11.50
CA HIS A 238 12.74 15.02 12.38
C HIS A 238 13.14 13.55 12.18
N TYR A 239 13.21 13.06 10.94
CA TYR A 239 13.66 11.69 10.59
C TYR A 239 15.01 11.40 11.29
N LEU A 240 16.04 12.23 11.10
CA LEU A 240 17.43 11.94 11.59
C LEU A 240 17.51 12.00 13.12
N SER A 241 16.73 12.88 13.75
CA SER A 241 16.83 13.20 15.21
C SER A 241 16.31 12.05 16.06
N GLY A 242 15.65 11.05 15.44
CA GLY A 242 15.34 9.77 16.10
C GLY A 242 16.58 8.90 16.34
N GLY A 243 17.59 8.98 15.46
CA GLY A 243 18.78 8.11 15.52
C GLY A 243 18.54 6.80 14.77
N PRO A 244 19.60 5.97 14.52
CA PRO A 244 19.45 4.75 13.73
C PRO A 244 18.40 3.74 14.21
N GLU A 245 18.05 3.75 15.51
CA GLU A 245 17.08 2.80 16.13
C GLU A 245 15.63 3.29 15.99
N ALA A 246 15.41 4.54 15.61
CA ALA A 246 14.05 5.13 15.52
C ALA A 246 13.39 4.78 14.17
N HIS A 247 14.10 4.13 13.25
CA HIS A 247 13.53 3.79 11.90
C HIS A 247 14.11 2.47 11.36
N GLU A 248 13.31 1.76 10.53
CA GLU A 248 13.69 0.51 9.84
C GLU A 248 14.49 0.83 8.57
N SER A 249 14.18 1.95 7.90
CA SER A 249 14.89 2.40 6.68
C SER A 249 16.33 2.84 7.06
N THR A 250 17.21 2.99 6.06
CA THR A 250 18.64 3.38 6.25
C THR A 250 18.89 4.81 5.74
N GLY A 251 17.91 5.47 5.13
CA GLY A 251 18.05 6.87 4.67
C GLY A 251 16.73 7.44 4.12
N ILE A 252 16.65 8.76 4.01
CA ILE A 252 15.48 9.55 3.51
C ILE A 252 16.00 10.45 2.39
N PHE A 253 15.20 10.71 1.36
CA PHE A 253 15.50 11.65 0.26
C PHE A 253 14.20 12.15 -0.35
N PHE A 254 14.28 13.16 -1.23
CA PHE A 254 13.14 14.01 -1.66
C PHE A 254 13.25 14.27 -3.17
N VAL A 255 12.13 14.24 -3.90
CA VAL A 255 12.07 14.51 -5.37
C VAL A 255 10.99 15.58 -5.59
N GLU A 256 11.28 16.64 -6.33
CA GLU A 256 10.30 17.73 -6.61
C GLU A 256 9.08 17.09 -7.27
N THR A 257 7.85 17.50 -6.89
CA THR A 257 6.61 16.99 -7.52
C THR A 257 6.71 17.27 -9.02
N GLN A 258 7.40 18.34 -9.41
CA GLN A 258 7.63 18.67 -10.85
C GLN A 258 8.27 17.46 -11.55
N ASN A 259 9.24 16.81 -10.90
CA ASN A 259 10.07 15.73 -11.51
C ASN A 259 9.44 14.33 -11.32
N VAL A 260 8.45 14.18 -10.42
CA VAL A 260 7.75 12.88 -10.20
C VAL A 260 7.00 12.48 -11.47
N ARG A 261 6.50 13.47 -12.22
CA ARG A 261 5.80 13.27 -13.51
C ARG A 261 6.58 12.32 -14.45
N ARG A 262 7.90 12.45 -14.57
CA ARG A 262 8.71 11.65 -15.56
C ARG A 262 9.53 10.58 -14.83
N LEU A 263 9.25 10.30 -13.56
CA LEU A 263 10.04 9.31 -12.78
C LEU A 263 10.17 7.96 -13.50
N PRO A 264 9.13 7.39 -14.18
CA PRO A 264 9.28 6.11 -14.87
C PRO A 264 10.29 6.12 -16.04
N GLU A 265 10.78 7.29 -16.43
CA GLU A 265 11.81 7.44 -17.49
C GLU A 265 13.22 7.58 -16.88
N THR A 266 13.35 7.59 -15.55
CA THR A 266 14.62 7.82 -14.82
C THR A 266 15.24 6.47 -14.38
N GLU A 267 16.51 6.52 -13.95
CA GLU A 267 17.26 5.35 -13.43
C GLU A 267 16.71 4.96 -12.05
N MET A 268 16.09 5.89 -11.33
CA MET A 268 15.46 5.64 -9.99
C MET A 268 14.37 4.55 -10.16
N TRP A 269 13.65 4.52 -11.28
CA TRP A 269 12.46 3.63 -11.45
C TRP A 269 12.85 2.16 -11.22
N ALA A 270 14.00 1.72 -11.75
CA ALA A 270 14.50 0.33 -11.62
C ALA A 270 14.82 -0.02 -10.16
N GLU A 271 14.97 0.99 -9.28
CA GLU A 271 15.26 0.79 -7.84
C GLU A 271 14.00 0.87 -6.97
N LEU A 272 12.81 1.22 -7.50
CA LEU A 272 11.56 1.31 -6.69
C LEU A 272 10.96 -0.09 -6.49
N CYS A 273 10.60 -0.45 -5.26
CA CYS A 273 9.81 -1.67 -4.98
C CYS A 273 8.40 -1.51 -5.57
N PRO A 274 7.73 -2.61 -5.94
CA PRO A 274 6.42 -2.54 -6.64
C PRO A 274 5.32 -1.72 -5.96
N SER A 275 5.21 -1.76 -4.64
CA SER A 275 4.16 -1.00 -3.93
C SER A 275 4.46 0.51 -3.99
N ALA A 276 5.73 0.91 -3.94
CA ALA A 276 6.11 2.33 -4.13
C ALA A 276 5.85 2.75 -5.59
N LYS A 277 6.11 1.89 -6.59
CA LYS A 277 5.70 2.21 -7.99
C LYS A 277 4.18 2.44 -8.07
N GLY A 278 3.39 1.62 -7.36
CA GLY A 278 1.92 1.78 -7.29
C GLY A 278 1.52 3.17 -6.81
N ALA A 279 2.11 3.61 -5.69
CA ALA A 279 1.86 4.92 -5.06
C ALA A 279 2.19 6.06 -6.05
N ILE A 280 3.29 5.98 -6.78
CA ILE A 280 3.72 7.07 -7.71
C ILE A 280 2.85 7.09 -8.97
N ILE A 281 2.53 5.95 -9.58
CA ILE A 281 1.59 5.89 -10.74
C ILE A 281 0.24 6.51 -10.34
N LEU A 282 -0.32 6.14 -9.19
CA LEU A 282 -1.65 6.68 -8.75
C LEU A 282 -1.56 8.19 -8.43
N TYR A 283 -0.48 8.66 -7.81
CA TYR A 283 -0.25 10.11 -7.56
C TYR A 283 -0.24 10.85 -8.89
N ASN A 284 0.50 10.34 -9.87
CA ASN A 284 0.59 10.98 -11.22
C ASN A 284 -0.81 11.00 -11.89
N ARG A 285 -1.63 9.97 -11.74
CA ARG A 285 -2.93 9.85 -12.45
C ARG A 285 -4.02 10.66 -11.76
N VAL A 286 -4.03 10.65 -10.43
CA VAL A 286 -5.18 11.16 -9.62
C VAL A 286 -4.90 12.58 -9.10
N GLN A 287 -3.69 12.88 -8.61
CA GLN A 287 -3.35 14.25 -8.14
C GLN A 287 -2.66 15.05 -9.27
N GLY A 288 -1.69 14.47 -9.98
CA GLY A 288 -1.17 15.05 -11.23
C GLY A 288 -2.26 15.01 -12.31
N SER A 289 -1.91 15.15 -13.59
CA SER A 289 -2.82 15.12 -14.77
C SER A 289 -4.02 16.06 -14.54
N PRO A 290 -3.83 17.38 -14.74
CA PRO A 290 -4.91 18.35 -14.58
C PRO A 290 -5.99 18.18 -15.67
N THR A 291 -7.23 18.57 -15.38
CA THR A 291 -8.42 18.38 -16.27
C THR A 291 -8.89 19.73 -16.84
N GLY A 292 -8.59 20.86 -16.18
CA GLY A 292 -9.16 22.17 -16.53
C GLY A 292 -8.24 23.04 -17.39
N ALA A 293 -8.75 24.18 -17.85
CA ALA A 293 -8.08 25.08 -18.84
C ALA A 293 -6.82 25.73 -18.22
N ALA A 294 -6.88 26.21 -16.98
CA ALA A 294 -5.77 26.93 -16.32
C ALA A 294 -4.54 26.00 -16.17
N LEU A 295 -4.67 24.89 -15.43
CA LEU A 295 -3.51 23.98 -15.15
C LEU A 295 -3.11 23.17 -16.39
N GLY A 296 -4.01 23.03 -17.37
CA GLY A 296 -3.79 22.32 -18.65
C GLY A 296 -3.04 23.17 -19.68
N SER A 297 -2.92 24.49 -19.47
CA SER A 297 -2.22 25.43 -20.38
C SER A 297 -0.74 25.02 -20.58
N PRO A 298 -0.16 25.14 -21.79
CA PRO A 298 1.21 24.65 -22.07
C PRO A 298 2.36 25.13 -21.15
N ALA A 299 2.32 26.38 -20.65
CA ALA A 299 3.36 26.90 -19.72
C ALA A 299 3.28 26.20 -18.35
N LEU A 300 2.09 25.76 -17.90
CA LEU A 300 1.93 25.04 -16.59
C LEU A 300 2.01 23.51 -16.79
N LEU A 301 1.69 23.00 -17.99
CA LEU A 301 1.77 21.54 -18.33
C LEU A 301 2.65 21.39 -19.56
N PRO A 302 3.99 21.38 -19.39
CA PRO A 302 4.91 21.28 -20.53
C PRO A 302 4.68 20.01 -21.36
N PRO A 303 4.54 20.10 -22.71
CA PRO A 303 4.46 18.93 -23.59
C PRO A 303 5.68 17.99 -23.55
N LEU A 304 5.42 16.67 -23.53
CA LEU A 304 6.42 15.56 -23.50
C LEU A 304 7.00 15.42 -22.07
#